data_2CO0
#
_entry.id   2CO0
#
_cell.length_a   64.916
_cell.length_b   47.030
_cell.length_c   101.768
_cell.angle_alpha   90.00
_cell.angle_beta   107.01
_cell.angle_gamma   90.00
#
_symmetry.space_group_name_H-M   'P 1 21 1'
#
loop_
_entity.id
_entity.type
_entity.pdbx_description
1 polymer 'WD-REPEAT PROTEIN 5'
2 polymer 'HISTONE H3 DIMETHYL-LYSINE 4'
3 polymer 'WD-REPEAT PROTEIN 5'
4 water water
#
loop_
_entity_poly.entity_id
_entity_poly.type
_entity_poly.pdbx_seq_one_letter_code
_entity_poly.pdbx_strand_id
1 'polypeptide(L)'
;SSSATQSKPTPVKPNYALMFTLAGHTKAVSSVKFSPNGEWLASSSADKLIKIWGAYDGKFEKTISGHKLGISDVAWSSDS
NLLVSASDDKTLKIWDVSSGKCLKTLKGHSNYVFCCNFNPQSNLIVSGSFDESVRIWDVKTGMCLKTLPAHSDPVSAVHF
NRDGSLIVSSSYDGLCRIWDTASGQCLKTLIDDDNPPVSFVKFSPNGKYILAATLDNDLKLWDYSKGKCLKTYTGHKNEK
YCIFANFSVTGGKWIVSGSEDNMVYIWNLQTKEIVQKLQGHTDVVISTACHPTENIIASAALENDKTIKLWKSDC
;
A
2 'polypeptide(L)' ARTKQTARKSTGGKA B,D
3 'polypeptide(L)'
;SSSATQSKPTPVKPNYALMFTLAGHTKAVSSVKFSPNGEWLASSSADKLIKIWGAYDGKFEKTISGHKLGISDVAWSSDS
NLLVSASDDKTLKIWDVSSGKCLKTLKGHSNYVFCCNFNPQSNLIVSGSFDESVRIWDVKTGMCLKTLPAHSDPVSAVHF
NRDGSLIVSSSYDGLCRIWDTASGQCLKTLIDDDNPPVSFVKFSPNGKYILAATLDNTLKLWDYSKGKCLKTYTGHKNEK
YCIFANFSVTGGKWIVSGSEDNMVYIWNLQTKEIVQKLQGHTDVVISTACHPTENIIASAALENDKTIKLWKSDC
;
C
#
# COMPACT_ATOMS: atom_id res chain seq x y z
N VAL A 12 6.06 21.56 9.30
CA VAL A 12 6.74 21.85 8.01
C VAL A 12 6.24 20.96 6.87
N LYS A 13 6.12 21.57 5.71
CA LYS A 13 5.71 20.89 4.50
C LYS A 13 6.44 21.68 3.42
N PRO A 14 7.27 21.00 2.62
CA PRO A 14 7.98 21.75 1.59
C PRO A 14 6.98 22.45 0.68
N ASN A 15 7.47 23.35 -0.18
CA ASN A 15 6.58 24.06 -1.08
C ASN A 15 7.20 24.11 -2.47
N TYR A 16 7.55 22.94 -2.99
CA TYR A 16 8.17 22.82 -4.30
C TYR A 16 7.29 23.41 -5.38
N ALA A 17 7.88 24.27 -6.20
CA ALA A 17 7.18 24.91 -7.30
C ALA A 17 8.02 24.74 -8.56
N LEU A 18 7.35 24.67 -9.70
CA LEU A 18 8.03 24.47 -10.99
C LEU A 18 9.02 25.56 -11.38
N MET A 19 10.26 25.14 -11.62
CA MET A 19 11.34 26.03 -12.04
C MET A 19 11.34 26.00 -13.58
N PHE A 20 11.59 24.81 -14.11
CA PHE A 20 11.67 24.63 -15.55
C PHE A 20 11.14 23.30 -16.05
N THR A 21 10.91 23.22 -17.36
CA THR A 21 10.47 22.02 -18.03
C THR A 21 11.53 21.83 -19.10
N LEU A 22 12.26 20.73 -19.02
CA LEU A 22 13.32 20.45 -19.99
C LEU A 22 12.85 19.48 -21.06
N ALA A 23 12.72 20.00 -22.28
CA ALA A 23 12.29 19.19 -23.41
C ALA A 23 13.45 18.93 -24.36
N GLY A 24 13.40 17.81 -25.06
CA GLY A 24 14.46 17.48 -25.98
C GLY A 24 14.46 16.01 -26.39
N HIS A 25 14.30 15.14 -25.41
CA HIS A 25 14.26 13.70 -25.70
C HIS A 25 13.11 13.37 -26.63
N THR A 26 13.34 12.45 -27.56
CA THR A 26 12.31 12.06 -28.51
C THR A 26 11.46 10.88 -28.08
N LYS A 27 11.86 10.23 -26.98
CA LYS A 27 11.10 9.12 -26.43
C LYS A 27 11.04 9.29 -24.93
N ALA A 28 10.34 8.39 -24.25
CA ALA A 28 10.21 8.44 -22.79
C ALA A 28 11.56 8.58 -22.14
N VAL A 29 11.63 9.41 -21.09
CA VAL A 29 12.88 9.58 -20.35
C VAL A 29 12.90 8.41 -19.37
N SER A 30 14.08 7.92 -19.02
CA SER A 30 14.16 6.78 -18.12
C SER A 30 14.83 7.08 -16.77
N SER A 31 15.66 8.10 -16.72
CA SER A 31 16.36 8.42 -15.48
C SER A 31 17.00 9.79 -15.44
N VAL A 32 16.87 10.45 -14.29
CA VAL A 32 17.48 11.77 -14.12
C VAL A 32 18.36 11.73 -12.87
N LYS A 33 19.57 12.27 -12.98
CA LYS A 33 20.53 12.27 -11.87
C LYS A 33 21.32 13.56 -11.78
N PHE A 34 21.47 14.08 -10.57
CA PHE A 34 22.24 15.28 -10.33
C PHE A 34 23.70 14.94 -10.15
N SER A 35 24.58 15.70 -10.78
CA SER A 35 26.01 15.45 -10.63
C SER A 35 26.36 15.77 -9.17
N PRO A 36 27.42 15.15 -8.63
CA PRO A 36 27.83 15.41 -7.25
C PRO A 36 28.13 16.88 -6.92
N ASN A 37 28.76 17.61 -7.84
CA ASN A 37 29.06 19.02 -7.58
C ASN A 37 27.82 19.89 -7.70
N GLY A 38 26.70 19.26 -8.04
CA GLY A 38 25.42 19.97 -8.15
C GLY A 38 25.10 20.92 -9.30
N GLU A 39 25.98 21.08 -10.28
CA GLU A 39 25.63 22.00 -11.35
C GLU A 39 25.03 21.34 -12.59
N TRP A 40 25.05 20.01 -12.65
CA TRP A 40 24.49 19.35 -13.80
C TRP A 40 23.39 18.35 -13.50
N LEU A 41 22.56 18.10 -14.51
CA LEU A 41 21.49 17.11 -14.43
C LEU A 41 21.68 16.28 -15.68
N ALA A 42 21.88 14.98 -15.50
CA ALA A 42 22.06 14.10 -16.64
C ALA A 42 20.80 13.24 -16.79
N SER A 43 20.34 13.09 -18.03
CA SER A 43 19.16 12.29 -18.31
C SER A 43 19.47 11.21 -19.36
N SER A 44 18.77 10.09 -19.26
CA SER A 44 18.92 8.99 -20.19
C SER A 44 17.52 8.71 -20.70
N SER A 45 17.40 8.21 -21.93
CA SER A 45 16.09 7.97 -22.50
C SER A 45 16.01 6.76 -23.41
N ALA A 46 14.78 6.31 -23.66
CA ALA A 46 14.54 5.19 -24.53
C ALA A 46 14.96 5.60 -25.95
N ASP A 47 15.31 6.86 -26.13
CA ASP A 47 15.74 7.34 -27.44
C ASP A 47 17.23 7.12 -27.66
N LYS A 48 17.85 6.36 -26.75
CA LYS A 48 19.26 6.00 -26.84
C LYS A 48 20.24 7.13 -26.54
N LEU A 49 19.72 8.28 -26.11
CA LEU A 49 20.59 9.41 -25.84
C LEU A 49 20.73 9.81 -24.36
N ILE A 50 21.81 10.52 -24.08
CA ILE A 50 22.05 11.04 -22.74
C ILE A 50 22.20 12.54 -22.95
N LYS A 51 21.48 13.32 -22.15
CA LYS A 51 21.56 14.76 -22.26
C LYS A 51 21.98 15.37 -20.93
N ILE A 52 22.84 16.38 -21.00
CA ILE A 52 23.33 17.07 -19.82
C ILE A 52 22.68 18.45 -19.79
N TRP A 53 22.16 18.82 -18.62
CA TRP A 53 21.47 20.09 -18.45
C TRP A 53 22.01 20.85 -17.24
N GLY A 54 21.81 22.17 -17.24
CA GLY A 54 22.25 22.99 -16.13
C GLY A 54 21.25 22.81 -15.01
N ALA A 55 21.74 22.36 -13.86
CA ALA A 55 20.87 22.12 -12.72
C ALA A 55 20.14 23.36 -12.19
N TYR A 56 20.72 24.54 -12.41
CA TYR A 56 20.11 25.77 -11.90
C TYR A 56 19.36 26.58 -12.95
N ASP A 57 19.85 26.59 -14.18
CA ASP A 57 19.20 27.35 -15.25
C ASP A 57 18.36 26.47 -16.16
N GLY A 58 18.52 25.15 -16.03
CA GLY A 58 17.76 24.23 -16.86
C GLY A 58 18.18 24.35 -18.32
N LYS A 59 19.38 24.88 -18.54
CA LYS A 59 19.90 25.07 -19.88
C LYS A 59 20.49 23.80 -20.49
N PHE A 60 20.06 23.47 -21.71
CA PHE A 60 20.59 22.29 -22.40
C PHE A 60 22.08 22.53 -22.61
N GLU A 61 22.89 21.51 -22.35
CA GLU A 61 24.33 21.65 -22.50
C GLU A 61 24.87 20.79 -23.63
N LYS A 62 24.48 19.52 -23.68
CA LYS A 62 24.97 18.64 -24.73
C LYS A 62 24.27 17.30 -24.77
N THR A 63 24.47 16.60 -25.89
CA THR A 63 23.89 15.28 -26.10
C THR A 63 25.06 14.31 -26.24
N ILE A 64 24.98 13.19 -25.54
CA ILE A 64 26.02 12.17 -25.59
C ILE A 64 25.34 10.94 -26.15
N SER A 65 25.85 10.44 -27.27
CA SER A 65 25.25 9.27 -27.91
C SER A 65 26.26 8.17 -28.17
N GLY A 66 25.75 7.00 -28.54
CA GLY A 66 26.61 5.86 -28.83
C GLY A 66 25.89 4.53 -28.68
N HIS A 67 25.07 4.40 -27.64
CA HIS A 67 24.32 3.17 -27.41
C HIS A 67 23.45 2.82 -28.61
N LYS A 68 23.27 1.52 -28.83
CA LYS A 68 22.47 1.02 -29.95
C LYS A 68 20.98 0.99 -29.66
N LEU A 69 20.61 0.84 -28.39
CA LEU A 69 19.21 0.77 -28.00
C LEU A 69 18.92 1.64 -26.78
N GLY A 70 17.66 1.70 -26.38
CA GLY A 70 17.26 2.50 -25.24
C GLY A 70 18.16 2.33 -24.02
N ILE A 71 18.19 3.38 -23.20
CA ILE A 71 19.00 3.42 -21.99
C ILE A 71 18.08 3.49 -20.77
N SER A 72 18.29 2.60 -19.80
CA SER A 72 17.46 2.55 -18.59
C SER A 72 18.01 3.30 -17.38
N ASP A 73 19.30 3.63 -17.40
CA ASP A 73 19.87 4.29 -16.23
C ASP A 73 21.22 4.92 -16.51
N VAL A 74 21.57 5.91 -15.68
CA VAL A 74 22.85 6.61 -15.77
C VAL A 74 23.26 7.02 -14.35
N ALA A 75 24.56 7.05 -14.10
CA ALA A 75 25.07 7.44 -12.78
C ALA A 75 26.37 8.24 -12.92
N TRP A 76 26.61 9.15 -11.98
CA TRP A 76 27.81 9.99 -12.00
C TRP A 76 28.94 9.43 -11.15
N SER A 77 30.17 9.75 -11.53
CA SER A 77 31.33 9.33 -10.76
C SER A 77 31.43 10.37 -9.65
N SER A 78 32.13 10.03 -8.57
CA SER A 78 32.29 10.93 -7.43
C SER A 78 32.83 12.32 -7.77
N ASP A 79 33.55 12.45 -8.86
CA ASP A 79 34.12 13.75 -9.23
C ASP A 79 33.34 14.49 -10.33
N SER A 80 32.12 14.05 -10.59
CA SER A 80 31.28 14.70 -11.60
C SER A 80 31.91 14.73 -12.98
N ASN A 81 32.99 13.98 -13.17
CA ASN A 81 33.67 13.96 -14.45
C ASN A 81 33.25 12.82 -15.37
N LEU A 82 32.87 11.70 -14.77
CA LEU A 82 32.46 10.54 -15.54
C LEU A 82 30.97 10.22 -15.42
N LEU A 83 30.48 9.45 -16.38
CA LEU A 83 29.09 9.04 -16.41
C LEU A 83 29.04 7.62 -16.93
N VAL A 84 28.20 6.79 -16.32
CA VAL A 84 28.05 5.41 -16.75
C VAL A 84 26.59 5.18 -17.13
N SER A 85 26.35 4.43 -18.21
CA SER A 85 24.99 4.18 -18.63
C SER A 85 24.72 2.69 -18.81
N ALA A 86 23.47 2.30 -18.58
CA ALA A 86 23.03 0.92 -18.73
C ALA A 86 22.00 0.88 -19.86
N SER A 87 22.26 0.06 -20.88
CA SER A 87 21.38 -0.01 -22.03
C SER A 87 20.84 -1.39 -22.41
N ASP A 88 19.75 -1.39 -23.20
CA ASP A 88 19.16 -2.63 -23.68
C ASP A 88 20.11 -3.34 -24.66
N ASP A 89 21.09 -2.61 -25.21
CA ASP A 89 22.03 -3.21 -26.15
C ASP A 89 22.96 -4.19 -25.46
N LYS A 90 22.67 -4.44 -24.18
CA LYS A 90 23.44 -5.36 -23.34
C LYS A 90 24.77 -4.84 -22.82
N THR A 91 25.04 -3.56 -23.02
CA THR A 91 26.30 -3.01 -22.53
C THR A 91 26.07 -1.82 -21.62
N LEU A 92 27.14 -1.40 -20.97
CA LEU A 92 27.13 -0.23 -20.12
C LEU A 92 28.22 0.59 -20.78
N LYS A 93 28.16 1.91 -20.68
CA LYS A 93 29.21 2.74 -21.27
C LYS A 93 29.69 3.80 -20.30
N ILE A 94 31.02 3.95 -20.22
CA ILE A 94 31.62 4.95 -19.36
C ILE A 94 31.91 6.17 -20.26
N TRP A 95 31.40 7.33 -19.89
CA TRP A 95 31.59 8.53 -20.70
C TRP A 95 32.36 9.64 -20.00
N ASP A 96 33.18 10.35 -20.78
CA ASP A 96 33.91 11.50 -20.27
C ASP A 96 32.89 12.62 -20.47
N VAL A 97 32.34 13.15 -19.38
CA VAL A 97 31.34 14.19 -19.45
C VAL A 97 31.68 15.44 -20.26
N SER A 98 32.90 15.95 -20.14
CA SER A 98 33.29 17.16 -20.85
C SER A 98 33.49 17.03 -22.36
N SER A 99 33.99 15.89 -22.81
CA SER A 99 34.22 15.69 -24.24
C SER A 99 33.04 14.94 -24.84
N GLY A 100 32.29 14.25 -23.98
CA GLY A 100 31.13 13.50 -24.43
C GLY A 100 31.45 12.20 -25.15
N LYS A 101 32.73 11.83 -25.24
CA LYS A 101 33.06 10.61 -25.92
C LYS A 101 33.13 9.40 -24.99
N CYS A 102 32.84 8.22 -25.55
CA CYS A 102 32.82 6.97 -24.81
C CYS A 102 34.21 6.42 -24.51
N LEU A 103 34.59 6.46 -23.24
CA LEU A 103 35.89 5.97 -22.82
C LEU A 103 35.97 4.45 -22.89
N LYS A 104 34.88 3.79 -22.52
CA LYS A 104 34.84 2.32 -22.54
C LYS A 104 33.44 1.75 -22.67
N THR A 105 33.38 0.53 -23.20
CA THR A 105 32.13 -0.19 -23.36
C THR A 105 32.25 -1.49 -22.57
N LEU A 106 31.43 -1.62 -21.52
CA LEU A 106 31.47 -2.81 -20.68
C LEU A 106 30.57 -3.90 -21.26
N LYS A 107 31.19 -5.00 -21.66
CA LYS A 107 30.47 -6.12 -22.25
C LYS A 107 30.56 -7.37 -21.40
N GLY A 108 29.45 -8.11 -21.33
CA GLY A 108 29.41 -9.31 -20.54
C GLY A 108 27.99 -9.78 -20.25
N HIS A 109 27.10 -8.83 -19.98
CA HIS A 109 25.70 -9.16 -19.70
C HIS A 109 25.09 -9.81 -20.93
N SER A 110 24.23 -10.80 -20.71
CA SER A 110 23.59 -11.51 -21.80
C SER A 110 22.16 -11.06 -22.08
N ASN A 111 21.79 -9.90 -21.53
CA ASN A 111 20.46 -9.33 -21.74
C ASN A 111 20.51 -7.85 -21.35
N TYR A 112 19.36 -7.18 -21.35
CA TYR A 112 19.32 -5.76 -21.01
C TYR A 112 20.01 -5.43 -19.71
N VAL A 113 20.76 -4.34 -19.70
CA VAL A 113 21.39 -3.87 -18.47
C VAL A 113 20.38 -2.83 -18.02
N PHE A 114 19.90 -2.99 -16.80
CA PHE A 114 18.85 -2.12 -16.28
C PHE A 114 19.27 -1.01 -15.31
N CYS A 115 20.33 -1.26 -14.56
CA CYS A 115 20.76 -0.30 -13.56
C CYS A 115 22.26 -0.28 -13.37
N CYS A 116 22.77 0.85 -12.88
CA CYS A 116 24.20 1.00 -12.67
C CYS A 116 24.54 2.07 -11.62
N ASN A 117 25.76 2.02 -11.13
CA ASN A 117 26.25 2.96 -10.11
C ASN A 117 27.75 2.80 -9.86
N PHE A 118 28.41 3.92 -9.58
CA PHE A 118 29.85 3.90 -9.26
C PHE A 118 29.89 3.73 -7.75
N ASN A 119 31.01 3.23 -7.22
CA ASN A 119 31.13 3.13 -5.77
C ASN A 119 31.69 4.49 -5.36
N PRO A 120 31.72 4.81 -4.05
CA PRO A 120 32.25 6.13 -3.67
C PRO A 120 33.64 6.42 -4.19
N GLN A 121 34.47 5.38 -4.27
CA GLN A 121 35.84 5.54 -4.76
C GLN A 121 35.85 5.77 -6.26
N SER A 122 34.75 5.41 -6.92
CA SER A 122 34.58 5.58 -8.36
C SER A 122 35.63 4.85 -9.19
N ASN A 123 36.10 3.71 -8.68
CA ASN A 123 37.06 2.90 -9.40
C ASN A 123 36.35 1.62 -9.80
N LEU A 124 35.10 1.50 -9.35
CA LEU A 124 34.28 0.33 -9.67
C LEU A 124 32.90 0.74 -10.14
N ILE A 125 32.27 -0.14 -10.91
CA ILE A 125 30.92 0.08 -11.41
C ILE A 125 30.14 -1.20 -11.13
N VAL A 126 28.91 -1.04 -10.64
CA VAL A 126 28.06 -2.19 -10.37
C VAL A 126 26.86 -2.11 -11.30
N SER A 127 26.48 -3.24 -11.88
CA SER A 127 25.36 -3.26 -12.80
C SER A 127 24.39 -4.39 -12.49
N GLY A 128 23.15 -4.19 -12.92
CA GLY A 128 22.11 -5.17 -12.72
C GLY A 128 21.47 -5.36 -14.08
N SER A 129 21.16 -6.60 -14.42
CA SER A 129 20.59 -6.87 -15.72
C SER A 129 19.46 -7.87 -15.68
N PHE A 130 18.72 -7.93 -16.78
CA PHE A 130 17.62 -8.86 -16.92
C PHE A 130 18.16 -10.30 -16.93
N ASP A 131 19.47 -10.45 -17.14
CA ASP A 131 20.05 -11.79 -17.15
C ASP A 131 20.12 -12.35 -15.73
N GLU A 132 19.57 -11.60 -14.78
CA GLU A 132 19.50 -12.00 -13.37
C GLU A 132 20.80 -11.92 -12.58
N SER A 133 21.85 -11.39 -13.20
CA SER A 133 23.13 -11.27 -12.51
C SER A 133 23.46 -9.83 -12.18
N VAL A 134 24.41 -9.68 -11.27
CA VAL A 134 24.91 -8.38 -10.85
C VAL A 134 26.41 -8.50 -11.14
N ARG A 135 26.96 -7.55 -11.89
CA ARG A 135 28.38 -7.58 -12.22
C ARG A 135 29.11 -6.37 -11.68
N ILE A 136 30.34 -6.59 -11.25
CA ILE A 136 31.18 -5.52 -10.71
C ILE A 136 32.31 -5.31 -11.72
N TRP A 137 32.44 -4.09 -12.23
CA TRP A 137 33.46 -3.76 -13.23
C TRP A 137 34.53 -2.79 -12.79
N ASP A 138 35.72 -2.94 -13.38
CA ASP A 138 36.84 -2.05 -13.09
C ASP A 138 36.69 -0.87 -14.04
N VAL A 139 36.60 0.33 -13.47
CA VAL A 139 36.44 1.53 -14.28
C VAL A 139 37.62 1.80 -15.21
N LYS A 140 38.83 1.67 -14.68
CA LYS A 140 40.03 1.94 -15.44
C LYS A 140 40.19 1.09 -16.69
N THR A 141 40.04 -0.23 -16.56
CA THR A 141 40.20 -1.13 -17.68
C THR A 141 38.93 -1.50 -18.43
N GLY A 142 37.78 -1.34 -17.77
CA GLY A 142 36.53 -1.70 -18.41
C GLY A 142 36.31 -3.20 -18.36
N MET A 143 37.09 -3.91 -17.56
CA MET A 143 36.95 -5.35 -17.43
C MET A 143 35.96 -5.70 -16.32
N CYS A 144 35.33 -6.85 -16.45
CA CYS A 144 34.39 -7.34 -15.45
C CYS A 144 35.20 -8.12 -14.42
N LEU A 145 35.14 -7.69 -13.16
CA LEU A 145 35.89 -8.35 -12.09
C LEU A 145 35.10 -9.47 -11.44
N LYS A 146 33.78 -9.31 -11.38
CA LYS A 146 32.90 -10.31 -10.76
C LYS A 146 31.51 -10.35 -11.37
N THR A 147 30.95 -11.55 -11.44
CA THR A 147 29.60 -11.77 -11.93
C THR A 147 28.90 -12.52 -10.81
N LEU A 148 27.95 -11.85 -10.14
CA LEU A 148 27.24 -12.49 -9.04
C LEU A 148 25.90 -13.08 -9.49
N PRO A 149 25.66 -14.36 -9.15
CA PRO A 149 24.42 -15.06 -9.50
C PRO A 149 23.41 -14.57 -8.46
N ALA A 150 23.19 -13.26 -8.51
CA ALA A 150 22.34 -12.53 -7.58
C ALA A 150 20.88 -12.89 -7.39
N HIS A 151 20.12 -13.03 -8.47
CA HIS A 151 18.69 -13.33 -8.34
C HIS A 151 18.16 -14.35 -9.31
N SER A 152 16.85 -14.61 -9.22
CA SER A 152 16.21 -15.58 -10.09
C SER A 152 15.22 -14.89 -11.05
N ASP A 153 15.43 -13.60 -11.24
CA ASP A 153 14.60 -12.79 -12.13
C ASP A 153 15.37 -11.50 -12.42
N PRO A 154 14.87 -10.65 -13.33
CA PRO A 154 15.59 -9.41 -13.63
C PRO A 154 15.97 -8.61 -12.40
N VAL A 155 17.12 -7.92 -12.47
CA VAL A 155 17.59 -7.11 -11.36
C VAL A 155 17.20 -5.65 -11.63
N SER A 156 16.36 -5.11 -10.77
CA SER A 156 15.84 -3.76 -10.94
C SER A 156 16.73 -2.62 -10.45
N ALA A 157 17.59 -2.89 -9.48
CA ALA A 157 18.46 -1.85 -8.97
C ALA A 157 19.72 -2.39 -8.30
N VAL A 158 20.78 -1.58 -8.31
CA VAL A 158 22.05 -1.91 -7.68
C VAL A 158 22.59 -0.64 -7.06
N HIS A 159 23.17 -0.75 -5.87
CA HIS A 159 23.67 0.43 -5.17
C HIS A 159 24.78 0.11 -4.17
N PHE A 160 25.80 0.96 -4.15
CA PHE A 160 26.90 0.82 -3.20
C PHE A 160 26.53 1.62 -1.96
N ASN A 161 27.02 1.21 -0.80
CA ASN A 161 26.74 1.93 0.44
C ASN A 161 27.80 3.04 0.51
N ARG A 162 27.77 3.86 1.56
CA ARG A 162 28.70 4.99 1.63
C ARG A 162 30.22 4.72 1.75
N ASP A 163 30.62 3.52 2.14
CA ASP A 163 32.06 3.25 2.22
C ASP A 163 32.51 2.29 1.12
N GLY A 164 31.57 1.90 0.25
CA GLY A 164 31.88 1.01 -0.85
C GLY A 164 31.98 -0.48 -0.51
N SER A 165 32.02 -0.81 0.77
CA SER A 165 32.14 -2.20 1.18
C SER A 165 30.92 -3.05 0.85
N LEU A 166 29.76 -2.42 0.73
CA LEU A 166 28.53 -3.15 0.46
C LEU A 166 27.81 -2.74 -0.82
N ILE A 167 27.01 -3.69 -1.32
CA ILE A 167 26.20 -3.50 -2.52
C ILE A 167 24.83 -4.04 -2.20
N VAL A 168 23.79 -3.31 -2.59
CA VAL A 168 22.43 -3.80 -2.37
C VAL A 168 21.77 -3.97 -3.73
N SER A 169 21.04 -5.07 -3.90
CA SER A 169 20.37 -5.33 -5.16
C SER A 169 18.92 -5.73 -4.91
N SER A 170 18.05 -5.33 -5.83
CA SER A 170 16.62 -5.67 -5.74
C SER A 170 16.22 -6.40 -7.02
N SER A 171 15.21 -7.24 -6.92
CA SER A 171 14.80 -8.00 -8.07
C SER A 171 13.33 -8.37 -8.13
N TYR A 172 12.86 -8.65 -9.33
CA TYR A 172 11.48 -9.06 -9.54
C TYR A 172 11.24 -10.40 -8.83
N ASP A 173 12.29 -11.05 -8.34
CA ASP A 173 12.09 -12.31 -7.62
C ASP A 173 11.56 -12.06 -6.21
N GLY A 174 11.39 -10.78 -5.87
CA GLY A 174 10.86 -10.39 -4.57
C GLY A 174 11.87 -10.22 -3.47
N LEU A 175 13.14 -10.39 -3.82
CA LEU A 175 14.21 -10.27 -2.83
C LEU A 175 15.07 -9.02 -2.95
N CYS A 176 15.66 -8.66 -1.82
CA CYS A 176 16.60 -7.56 -1.73
C CYS A 176 17.81 -8.24 -1.10
N ARG A 177 18.98 -8.08 -1.70
CA ARG A 177 20.16 -8.72 -1.14
C ARG A 177 21.31 -7.76 -0.88
N ILE A 178 22.05 -8.05 0.18
CA ILE A 178 23.19 -7.26 0.58
C ILE A 178 24.40 -8.13 0.23
N TRP A 179 25.35 -7.56 -0.51
CA TRP A 179 26.54 -8.30 -0.91
C TRP A 179 27.82 -7.64 -0.40
N ASP A 180 28.80 -8.48 -0.10
CA ASP A 180 30.10 -8.00 0.33
C ASP A 180 30.84 -7.68 -0.97
N THR A 181 31.17 -6.42 -1.18
CA THR A 181 31.86 -5.97 -2.38
C THR A 181 33.18 -6.70 -2.69
N ALA A 182 34.03 -6.83 -1.70
CA ALA A 182 35.33 -7.46 -1.91
C ALA A 182 35.27 -8.93 -2.31
N SER A 183 34.37 -9.69 -1.71
CA SER A 183 34.29 -11.12 -2.00
C SER A 183 33.16 -11.50 -2.94
N GLY A 184 32.10 -10.71 -2.92
CA GLY A 184 30.95 -10.99 -3.77
C GLY A 184 30.01 -11.97 -3.10
N GLN A 185 30.27 -12.31 -1.84
CA GLN A 185 29.42 -13.25 -1.10
C GLN A 185 28.20 -12.54 -0.51
N CYS A 186 27.07 -13.24 -0.47
CA CYS A 186 25.84 -12.65 0.05
C CYS A 186 25.90 -12.56 1.58
N LEU A 187 25.60 -11.39 2.12
CA LEU A 187 25.60 -11.18 3.57
C LEU A 187 24.20 -11.21 4.13
N LYS A 188 23.20 -10.92 3.31
CA LYS A 188 21.82 -10.93 3.77
C LYS A 188 20.79 -10.90 2.65
N THR A 189 19.73 -11.66 2.85
CA THR A 189 18.61 -11.73 1.92
C THR A 189 17.39 -11.30 2.72
N LEU A 190 16.64 -10.34 2.20
CA LEU A 190 15.43 -9.87 2.90
C LEU A 190 14.17 -10.27 2.16
N ILE A 191 13.18 -10.72 2.93
CA ILE A 191 11.90 -11.12 2.38
C ILE A 191 10.85 -10.16 2.90
N ASP A 192 9.90 -9.83 2.03
CA ASP A 192 8.79 -8.94 2.35
C ASP A 192 7.59 -9.87 2.20
N ASP A 193 7.27 -10.56 3.30
CA ASP A 193 6.20 -11.56 3.37
C ASP A 193 5.56 -12.12 2.09
N ASP A 194 4.80 -11.33 1.35
CA ASP A 194 4.18 -11.86 0.13
C ASP A 194 5.19 -11.94 -1.04
N ASN A 195 6.38 -11.39 -0.82
CA ASN A 195 7.47 -11.34 -1.79
C ASN A 195 7.12 -10.76 -3.17
N PRO A 196 6.45 -9.61 -3.19
CA PRO A 196 6.08 -8.98 -4.47
C PRO A 196 7.35 -8.45 -5.13
N PRO A 197 7.35 -8.29 -6.46
CA PRO A 197 8.50 -7.80 -7.23
C PRO A 197 9.08 -6.52 -6.65
N VAL A 198 10.40 -6.50 -6.42
CA VAL A 198 11.03 -5.29 -5.88
C VAL A 198 11.52 -4.50 -7.09
N SER A 199 10.95 -3.31 -7.25
CA SER A 199 11.26 -2.46 -8.38
C SER A 199 12.37 -1.44 -8.14
N PHE A 200 12.84 -1.33 -6.91
CA PHE A 200 13.91 -0.39 -6.63
C PHE A 200 14.38 -0.53 -5.19
N VAL A 201 15.67 -0.31 -4.97
CA VAL A 201 16.25 -0.37 -3.63
C VAL A 201 17.45 0.57 -3.59
N LYS A 202 17.78 1.04 -2.39
CA LYS A 202 18.89 1.98 -2.23
C LYS A 202 19.20 2.17 -0.74
N PHE A 203 20.49 2.38 -0.42
CA PHE A 203 20.91 2.61 0.96
C PHE A 203 20.54 4.04 1.38
N SER A 204 20.32 4.23 2.68
CA SER A 204 20.02 5.54 3.20
C SER A 204 21.36 6.26 3.23
N PRO A 205 21.35 7.60 3.28
CA PRO A 205 22.64 8.32 3.30
C PRO A 205 23.67 7.79 4.30
N ASN A 206 23.23 7.45 5.50
CA ASN A 206 24.14 6.93 6.53
C ASN A 206 24.49 5.46 6.32
N GLY A 207 23.80 4.81 5.40
CA GLY A 207 24.10 3.40 5.12
C GLY A 207 23.50 2.36 6.05
N LYS A 208 22.76 2.77 7.07
CA LYS A 208 22.17 1.79 7.96
C LYS A 208 20.82 1.26 7.50
N TYR A 209 20.17 1.98 6.59
CA TYR A 209 18.86 1.55 6.07
C TYR A 209 18.86 1.31 4.58
N ILE A 210 17.77 0.68 4.13
CA ILE A 210 17.55 0.37 2.74
C ILE A 210 16.10 0.75 2.42
N LEU A 211 15.93 1.57 1.38
CA LEU A 211 14.61 1.99 0.95
C LEU A 211 14.23 1.13 -0.26
N ALA A 212 13.20 0.30 -0.14
CA ALA A 212 12.79 -0.57 -1.23
C ALA A 212 11.38 -0.29 -1.72
N ALA A 213 11.20 -0.37 -3.03
CA ALA A 213 9.90 -0.17 -3.63
C ALA A 213 9.42 -1.51 -4.18
N THR A 214 8.17 -1.86 -3.90
CA THR A 214 7.61 -3.11 -4.38
C THR A 214 6.41 -2.76 -5.24
N LEU A 215 6.16 -3.57 -6.28
CA LEU A 215 5.06 -3.32 -7.19
C LEU A 215 3.65 -3.51 -6.63
N ASP A 216 3.51 -3.34 -5.31
CA ASP A 216 2.21 -3.45 -4.67
C ASP A 216 1.87 -2.06 -4.11
N ASN A 217 2.28 -1.03 -4.85
CA ASN A 217 2.05 0.38 -4.51
C ASN A 217 2.63 0.73 -3.16
N ASP A 218 3.79 0.17 -2.84
CA ASP A 218 4.34 0.43 -1.53
C ASP A 218 5.86 0.61 -1.48
N LEU A 219 6.30 1.49 -0.58
CA LEU A 219 7.70 1.78 -0.36
C LEU A 219 8.01 1.45 1.10
N LYS A 220 9.19 0.90 1.36
CA LYS A 220 9.56 0.53 2.73
C LYS A 220 11.00 0.84 3.11
N LEU A 221 11.16 1.33 4.33
CA LEU A 221 12.47 1.65 4.87
C LEU A 221 12.82 0.50 5.81
N TRP A 222 13.88 -0.24 5.48
CA TRP A 222 14.31 -1.37 6.28
C TRP A 222 15.66 -1.21 6.96
N ASP A 223 15.76 -1.74 8.17
CA ASP A 223 17.02 -1.77 8.90
C ASP A 223 17.44 -3.17 8.44
N TYR A 224 18.20 -3.25 7.35
CA TYR A 224 18.59 -4.55 6.81
C TYR A 224 19.30 -5.48 7.79
N SER A 225 20.13 -4.92 8.67
CA SER A 225 20.86 -5.72 9.65
C SER A 225 19.90 -6.52 10.52
N LYS A 226 18.89 -5.85 11.03
CA LYS A 226 17.88 -6.47 11.89
C LYS A 226 16.72 -7.08 11.12
N GLY A 227 16.63 -6.77 9.84
CA GLY A 227 15.54 -7.30 9.05
C GLY A 227 14.23 -6.76 9.61
N LYS A 228 14.22 -5.48 9.94
CA LYS A 228 13.03 -4.84 10.47
C LYS A 228 12.58 -3.65 9.63
N CYS A 229 11.27 -3.57 9.41
CA CYS A 229 10.67 -2.50 8.64
C CYS A 229 10.34 -1.37 9.61
N LEU A 230 11.00 -0.22 9.45
CA LEU A 230 10.79 0.92 10.33
C LEU A 230 9.69 1.86 9.88
N LYS A 231 9.53 2.01 8.57
CA LYS A 231 8.54 2.92 8.01
C LYS A 231 8.00 2.40 6.70
N THR A 232 6.82 2.91 6.33
CA THR A 232 6.17 2.52 5.10
C THR A 232 5.64 3.80 4.48
N TYR A 233 5.62 3.87 3.16
CA TYR A 233 5.13 5.07 2.48
C TYR A 233 4.22 4.57 1.38
N THR A 234 2.95 4.96 1.48
CA THR A 234 1.95 4.53 0.52
C THR A 234 1.07 5.70 0.08
N GLY A 235 0.16 5.42 -0.85
CA GLY A 235 -0.72 6.46 -1.34
C GLY A 235 -0.49 6.75 -2.81
N HIS A 236 0.73 6.51 -3.28
CA HIS A 236 1.06 6.72 -4.68
C HIS A 236 0.64 5.49 -5.48
N LYS A 237 0.96 5.47 -6.77
CA LYS A 237 0.60 4.33 -7.61
C LYS A 237 1.84 3.72 -8.23
N ASN A 238 2.14 2.49 -7.85
CA ASN A 238 3.29 1.83 -8.40
C ASN A 238 3.15 0.32 -8.44
N GLU A 239 2.65 -0.19 -9.57
CA GLU A 239 2.49 -1.62 -9.74
C GLU A 239 2.96 -2.08 -11.13
N LYS A 240 3.57 -1.17 -11.90
CA LYS A 240 3.98 -1.57 -13.23
C LYS A 240 5.44 -1.24 -13.59
N TYR A 241 5.88 -0.03 -13.28
CA TYR A 241 7.25 0.37 -13.63
C TYR A 241 8.21 0.46 -12.46
N CYS A 242 9.50 0.39 -12.77
CA CYS A 242 10.56 0.50 -11.77
C CYS A 242 10.87 1.98 -11.57
N ILE A 243 10.16 2.59 -10.63
CA ILE A 243 10.30 4.00 -10.33
C ILE A 243 11.33 4.31 -9.23
N PHE A 244 12.23 5.23 -9.54
CA PHE A 244 13.26 5.64 -8.61
C PHE A 244 12.65 6.29 -7.36
N ALA A 245 13.31 6.15 -6.21
CA ALA A 245 12.84 6.76 -4.97
C ALA A 245 14.06 7.45 -4.36
N ASN A 246 13.83 8.49 -3.56
CA ASN A 246 14.97 9.20 -2.99
C ASN A 246 14.80 9.61 -1.54
N PHE A 247 15.92 10.04 -0.97
CA PHE A 247 15.99 10.57 0.38
C PHE A 247 16.30 12.03 0.12
N SER A 248 15.44 12.92 0.60
CA SER A 248 15.66 14.36 0.44
C SER A 248 16.10 14.85 1.81
N VAL A 249 17.37 15.21 1.94
CA VAL A 249 17.92 15.65 3.21
C VAL A 249 18.45 17.07 3.27
N THR A 250 18.32 17.82 2.18
CA THR A 250 18.83 19.18 2.15
C THR A 250 18.08 20.12 3.09
N GLY A 251 16.77 19.93 3.22
CA GLY A 251 15.98 20.74 4.12
C GLY A 251 15.32 19.81 5.13
N GLY A 252 14.00 19.71 5.09
CA GLY A 252 13.34 18.80 5.99
C GLY A 252 13.63 17.42 5.44
N LYS A 253 13.47 16.37 6.25
CA LYS A 253 13.75 15.02 5.79
C LYS A 253 12.54 14.40 5.11
N TRP A 254 12.63 14.24 3.81
CA TRP A 254 11.52 13.68 3.04
C TRP A 254 11.91 12.46 2.24
N ILE A 255 10.88 11.76 1.78
CA ILE A 255 11.03 10.60 0.92
C ILE A 255 10.35 11.07 -0.36
N VAL A 256 11.07 10.99 -1.47
CA VAL A 256 10.53 11.44 -2.75
C VAL A 256 10.45 10.30 -3.77
N SER A 257 9.38 10.28 -4.56
CA SER A 257 9.21 9.25 -5.55
C SER A 257 8.21 9.62 -6.63
N GLY A 258 8.44 9.10 -7.83
CA GLY A 258 7.52 9.35 -8.93
C GLY A 258 6.31 8.47 -8.69
N SER A 259 5.32 8.53 -9.58
CA SER A 259 4.11 7.74 -9.42
C SER A 259 3.42 7.52 -10.76
N GLU A 260 2.73 6.39 -10.91
CA GLU A 260 2.04 6.07 -12.15
C GLU A 260 0.78 6.88 -12.44
N ASP A 261 0.44 7.79 -11.53
CA ASP A 261 -0.72 8.64 -11.74
C ASP A 261 -0.26 10.04 -12.15
N ASN A 262 0.96 10.11 -12.70
CA ASN A 262 1.54 11.35 -13.20
C ASN A 262 2.02 12.40 -12.20
N MET A 263 2.07 12.07 -10.91
CA MET A 263 2.52 13.03 -9.91
C MET A 263 3.78 12.60 -9.19
N VAL A 264 4.39 13.57 -8.53
CA VAL A 264 5.60 13.34 -7.74
C VAL A 264 5.11 13.32 -6.30
N TYR A 265 5.47 12.29 -5.54
CA TYR A 265 5.03 12.23 -4.16
C TYR A 265 6.16 12.55 -3.18
N ILE A 266 5.82 13.33 -2.16
CA ILE A 266 6.78 13.71 -1.14
C ILE A 266 6.19 13.38 0.21
N TRP A 267 6.87 12.49 0.95
CA TRP A 267 6.42 12.04 2.26
C TRP A 267 7.28 12.56 3.39
N ASN A 268 6.69 12.69 4.57
CA ASN A 268 7.46 13.10 5.74
C ASN A 268 8.11 11.76 6.09
N LEU A 269 9.44 11.73 6.19
CA LEU A 269 10.14 10.48 6.48
C LEU A 269 9.77 9.83 7.80
N GLN A 270 9.60 10.63 8.85
CA GLN A 270 9.26 10.12 10.18
C GLN A 270 7.80 9.76 10.38
N THR A 271 6.90 10.63 9.94
CA THR A 271 5.46 10.39 10.13
C THR A 271 4.81 9.60 9.00
N LYS A 272 5.54 9.40 7.90
CA LYS A 272 5.02 8.64 6.76
C LYS A 272 3.84 9.36 6.12
N GLU A 273 3.67 10.62 6.49
CA GLU A 273 2.56 11.43 5.99
C GLU A 273 2.91 12.11 4.67
N ILE A 274 1.98 12.08 3.71
CA ILE A 274 2.21 12.72 2.42
C ILE A 274 2.12 14.23 2.64
N VAL A 275 3.22 14.93 2.42
CA VAL A 275 3.25 16.37 2.62
C VAL A 275 3.08 17.22 1.36
N GLN A 276 3.17 16.59 0.18
CA GLN A 276 3.00 17.31 -1.06
C GLN A 276 3.01 16.42 -2.29
N LYS A 277 2.20 16.77 -3.28
CA LYS A 277 2.09 16.03 -4.53
C LYS A 277 2.30 17.05 -5.65
N LEU A 278 3.34 16.87 -6.45
CA LEU A 278 3.63 17.81 -7.53
C LEU A 278 2.88 17.44 -8.82
N GLN A 279 2.07 18.36 -9.32
CA GLN A 279 1.30 18.12 -10.55
C GLN A 279 1.89 18.86 -11.75
N GLY A 280 1.73 18.29 -12.94
CA GLY A 280 2.27 18.91 -14.14
C GLY A 280 2.58 17.93 -15.25
N HIS A 281 3.25 16.83 -14.90
CA HIS A 281 3.59 15.81 -15.88
C HIS A 281 2.32 15.16 -16.42
N THR A 282 2.37 14.72 -17.69
CA THR A 282 1.21 14.10 -18.33
C THR A 282 1.32 12.60 -18.55
N ASP A 283 2.24 11.96 -17.83
CA ASP A 283 2.42 10.52 -17.91
C ASP A 283 3.23 10.07 -16.70
N VAL A 284 3.29 8.76 -16.52
CA VAL A 284 4.02 8.16 -15.41
C VAL A 284 5.32 8.88 -15.12
N VAL A 285 5.51 9.27 -13.86
CA VAL A 285 6.75 9.92 -13.47
C VAL A 285 7.67 8.78 -13.06
N ILE A 286 8.51 8.35 -14.00
CA ILE A 286 9.41 7.24 -13.81
C ILE A 286 10.66 7.51 -12.99
N SER A 287 11.08 8.76 -12.93
CA SER A 287 12.28 9.08 -12.21
C SER A 287 12.27 10.43 -11.53
N THR A 288 12.97 10.52 -10.41
CA THR A 288 13.09 11.74 -9.64
C THR A 288 14.46 11.68 -8.96
N ALA A 289 15.06 12.84 -8.79
CA ALA A 289 16.36 12.95 -8.15
C ALA A 289 16.34 14.16 -7.23
N CYS A 290 17.12 14.11 -6.16
CA CYS A 290 17.18 15.21 -5.21
C CYS A 290 18.53 15.89 -5.30
N HIS A 291 18.52 17.22 -5.46
CA HIS A 291 19.75 17.98 -5.54
C HIS A 291 20.58 17.76 -4.27
N PRO A 292 21.90 17.59 -4.42
CA PRO A 292 22.81 17.36 -3.29
C PRO A 292 22.96 18.48 -2.25
N THR A 293 22.66 19.72 -2.63
CA THR A 293 22.81 20.83 -1.68
C THR A 293 21.58 21.73 -1.59
N GLU A 294 20.85 21.89 -2.69
CA GLU A 294 19.67 22.75 -2.68
C GLU A 294 18.37 21.94 -2.62
N ASN A 295 17.30 22.60 -2.19
CA ASN A 295 16.01 21.93 -2.12
C ASN A 295 15.40 21.99 -3.52
N ILE A 296 15.97 21.19 -4.41
CA ILE A 296 15.54 21.12 -5.80
C ILE A 296 15.25 19.68 -6.19
N ILE A 297 14.16 19.48 -6.93
CA ILE A 297 13.80 18.15 -7.39
C ILE A 297 13.67 18.05 -8.90
N ALA A 298 14.26 16.98 -9.46
CA ALA A 298 14.19 16.72 -10.89
C ALA A 298 13.28 15.51 -11.09
N SER A 299 12.30 15.64 -11.98
CA SER A 299 11.38 14.55 -12.25
C SER A 299 11.30 14.38 -13.77
N ALA A 300 11.04 13.15 -14.21
CA ALA A 300 10.94 12.85 -15.64
C ALA A 300 9.83 11.84 -15.89
N ALA A 301 9.13 11.97 -17.02
CA ALA A 301 8.03 11.07 -17.32
C ALA A 301 8.18 10.29 -18.61
N LEU A 302 7.24 9.37 -18.83
CA LEU A 302 7.25 8.50 -19.99
C LEU A 302 6.77 9.10 -21.30
N GLU A 303 6.55 8.22 -22.28
CA GLU A 303 6.18 8.56 -23.64
C GLU A 303 5.22 9.71 -23.95
N ASN A 304 4.11 9.82 -23.23
CA ASN A 304 3.17 10.91 -23.51
C ASN A 304 3.66 12.25 -22.97
N ASP A 305 4.79 12.25 -22.28
CA ASP A 305 5.34 13.46 -21.70
C ASP A 305 6.73 13.77 -22.27
N LYS A 306 7.68 12.87 -22.01
CA LYS A 306 9.05 13.01 -22.49
C LYS A 306 9.79 14.23 -21.97
N THR A 307 9.18 14.95 -21.04
CA THR A 307 9.85 16.12 -20.50
C THR A 307 10.44 15.84 -19.13
N ILE A 308 11.26 16.78 -18.68
CA ILE A 308 11.93 16.72 -17.39
C ILE A 308 11.52 18.00 -16.68
N LYS A 309 11.21 17.94 -15.40
CA LYS A 309 10.82 19.16 -14.68
C LYS A 309 11.68 19.37 -13.45
N LEU A 310 12.08 20.63 -13.25
CA LEU A 310 12.89 21.01 -12.10
C LEU A 310 12.00 21.77 -11.14
N TRP A 311 11.93 21.30 -9.90
CA TRP A 311 11.10 21.96 -8.91
C TRP A 311 11.98 22.49 -7.78
N LYS A 312 11.58 23.62 -7.21
CA LYS A 312 12.34 24.24 -6.14
C LYS A 312 11.46 24.56 -4.94
N SER A 313 11.99 24.35 -3.75
CA SER A 313 11.25 24.61 -2.52
C SER A 313 12.07 25.39 -1.52
N ASP A 314 11.37 26.00 -0.55
CA ASP A 314 12.03 26.75 0.51
C ASP A 314 12.27 25.65 1.53
N CYS A 315 11.41 24.64 1.43
CA CYS A 315 11.44 23.46 2.29
C CYS A 315 11.17 23.84 3.74
N ALA B 1 14.89 0.65 -21.44
CA ALA B 1 13.69 -0.27 -21.45
C ALA B 1 12.90 -0.16 -20.17
N ARG B 2 13.44 0.58 -19.20
CA ARG B 2 12.76 0.81 -17.92
C ARG B 2 11.43 1.48 -18.30
N THR B 3 11.46 2.21 -19.42
CA THR B 3 10.29 2.92 -19.92
C THR B 3 9.16 2.02 -20.40
N LYS B 4 9.44 0.73 -20.54
CA LYS B 4 8.42 -0.21 -20.97
C LYS B 4 8.11 -1.09 -19.79
N GLN B 5 6.93 -1.69 -19.78
CA GLN B 5 6.56 -2.54 -18.66
C GLN B 5 6.95 -4.00 -18.90
N THR B 6 7.55 -4.61 -17.97
N VAL C 12 -11.47 -13.66 -15.52
CA VAL C 12 -12.90 -13.40 -15.22
C VAL C 12 -13.01 -12.16 -14.34
N LYS C 13 -13.95 -11.27 -14.66
CA LYS C 13 -14.16 -10.07 -13.89
C LYS C 13 -15.64 -9.88 -13.65
N PRO C 14 -16.03 -9.49 -12.43
CA PRO C 14 -17.45 -9.30 -12.16
C PRO C 14 -17.93 -8.06 -12.91
N ASN C 15 -19.24 -7.88 -12.98
CA ASN C 15 -19.78 -6.73 -13.67
C ASN C 15 -20.89 -6.11 -12.84
N TYR C 16 -20.58 -5.80 -11.58
CA TYR C 16 -21.57 -5.22 -10.68
C TYR C 16 -22.10 -3.92 -11.24
N ALA C 17 -23.42 -3.78 -11.16
CA ALA C 17 -24.12 -2.58 -11.64
C ALA C 17 -25.11 -2.14 -10.57
N LEU C 18 -25.18 -0.83 -10.34
CA LEU C 18 -26.10 -0.27 -9.35
C LEU C 18 -27.52 -0.77 -9.55
N MET C 19 -28.09 -1.36 -8.50
CA MET C 19 -29.46 -1.87 -8.58
C MET C 19 -30.38 -0.94 -7.78
N PHE C 20 -30.06 -0.72 -6.51
CA PHE C 20 -30.89 0.16 -5.69
C PHE C 20 -30.06 1.11 -4.84
N THR C 21 -30.62 2.29 -4.58
CA THR C 21 -29.98 3.30 -3.73
C THR C 21 -30.96 3.50 -2.59
N LEU C 22 -30.53 3.23 -1.36
CA LEU C 22 -31.43 3.35 -0.22
C LEU C 22 -31.15 4.60 0.62
N ALA C 23 -32.10 5.53 0.60
CA ALA C 23 -31.99 6.77 1.35
C ALA C 23 -32.93 6.75 2.54
N GLY C 24 -32.55 7.43 3.62
CA GLY C 24 -33.39 7.44 4.81
C GLY C 24 -32.64 7.93 6.03
N HIS C 25 -31.40 7.47 6.19
CA HIS C 25 -30.59 7.91 7.34
C HIS C 25 -30.31 9.40 7.20
N THR C 26 -30.37 10.11 8.34
CA THR C 26 -30.15 11.55 8.34
C THR C 26 -28.70 11.95 8.58
N LYS C 27 -27.85 10.96 8.83
CA LYS C 27 -26.42 11.21 9.04
C LYS C 27 -25.65 10.05 8.42
N ALA C 28 -24.33 10.15 8.42
CA ALA C 28 -23.48 9.11 7.86
C ALA C 28 -23.89 7.71 8.30
N VAL C 29 -23.86 6.78 7.35
CA VAL C 29 -24.20 5.39 7.63
C VAL C 29 -22.87 4.80 8.14
N SER C 30 -22.94 3.89 9.10
CA SER C 30 -21.71 3.30 9.64
C SER C 30 -21.46 1.85 9.28
N SER C 31 -22.52 1.08 9.04
CA SER C 31 -22.36 -0.34 8.73
C SER C 31 -23.58 -1.00 8.09
N VAL C 32 -23.33 -1.92 7.15
CA VAL C 32 -24.41 -2.66 6.50
C VAL C 32 -24.13 -4.16 6.58
N LYS C 33 -25.17 -4.92 6.89
CA LYS C 33 -25.06 -6.37 7.02
C LYS C 33 -26.31 -7.09 6.48
N PHE C 34 -26.10 -8.07 5.62
CA PHE C 34 -27.21 -8.86 5.07
C PHE C 34 -27.59 -9.88 6.14
N SER C 35 -28.87 -10.23 6.21
CA SER C 35 -29.30 -11.23 7.17
C SER C 35 -28.87 -12.58 6.60
N PRO C 36 -28.51 -13.54 7.47
CA PRO C 36 -28.08 -14.85 6.98
C PRO C 36 -29.05 -15.50 5.99
N ASN C 37 -30.35 -15.28 6.18
CA ASN C 37 -31.34 -15.88 5.28
C ASN C 37 -31.43 -15.12 3.95
N GLY C 38 -30.57 -14.12 3.79
CA GLY C 38 -30.51 -13.34 2.56
C GLY C 38 -31.69 -12.46 2.20
N GLU C 39 -32.71 -12.41 3.06
CA GLU C 39 -33.89 -11.62 2.76
C GLU C 39 -33.81 -10.13 3.17
N TRP C 40 -32.98 -9.82 4.15
CA TRP C 40 -32.89 -8.45 4.62
C TRP C 40 -31.48 -7.88 4.69
N LEU C 41 -31.42 -6.57 4.84
CA LEU C 41 -30.19 -5.81 4.99
C LEU C 41 -30.45 -4.82 6.12
N ALA C 42 -29.57 -4.82 7.12
CA ALA C 42 -29.72 -3.90 8.22
C ALA C 42 -28.61 -2.88 8.12
N SER C 43 -28.92 -1.65 8.50
CA SER C 43 -27.94 -0.58 8.47
C SER C 43 -27.97 0.18 9.78
N SER C 44 -26.79 0.62 10.21
CA SER C 44 -26.63 1.39 11.43
C SER C 44 -26.13 2.77 10.99
N SER C 45 -26.34 3.78 11.82
CA SER C 45 -25.93 5.12 11.45
C SER C 45 -25.59 6.03 12.62
N ALA C 46 -24.93 7.13 12.31
CA ALA C 46 -24.55 8.09 13.32
C ALA C 46 -25.83 8.77 13.82
N ASP C 47 -26.93 8.53 13.12
CA ASP C 47 -28.19 9.12 13.52
C ASP C 47 -28.86 8.35 14.65
N LYS C 48 -28.12 7.43 15.26
CA LYS C 48 -28.62 6.62 16.38
C LYS C 48 -29.73 5.65 15.99
N LEU C 49 -29.92 5.45 14.69
CA LEU C 49 -30.97 4.56 14.21
C LEU C 49 -30.48 3.31 13.49
N ILE C 50 -31.33 2.29 13.51
CA ILE C 50 -31.06 1.07 12.79
C ILE C 50 -32.22 0.96 11.82
N LYS C 51 -31.92 0.65 10.57
CA LYS C 51 -32.96 0.49 9.56
C LYS C 51 -32.86 -0.87 8.89
N ILE C 52 -33.99 -1.43 8.52
CA ILE C 52 -34.04 -2.73 7.86
C ILE C 52 -34.63 -2.55 6.47
N TRP C 53 -33.97 -3.12 5.47
CA TRP C 53 -34.45 -2.98 4.10
C TRP C 53 -34.53 -4.34 3.40
N GLY C 54 -35.36 -4.43 2.37
CA GLY C 54 -35.48 -5.66 1.60
C GLY C 54 -34.26 -5.75 0.71
N ALA C 55 -33.52 -6.86 0.79
CA ALA C 55 -32.32 -7.03 -0.01
C ALA C 55 -32.56 -7.20 -1.50
N TYR C 56 -33.69 -7.78 -1.86
CA TYR C 56 -33.98 -8.01 -3.27
C TYR C 56 -34.76 -6.89 -3.97
N ASP C 57 -35.41 -6.03 -3.19
CA ASP C 57 -36.16 -4.92 -3.77
C ASP C 57 -35.71 -3.57 -3.22
N GLY C 58 -34.71 -3.59 -2.33
CA GLY C 58 -34.19 -2.37 -1.75
C GLY C 58 -35.26 -1.52 -1.07
N LYS C 59 -36.40 -2.13 -0.83
CA LYS C 59 -37.55 -1.47 -0.21
C LYS C 59 -37.44 -1.26 1.31
N PHE C 60 -37.62 -0.02 1.76
CA PHE C 60 -37.55 0.28 3.19
C PHE C 60 -38.53 -0.58 3.98
N GLU C 61 -38.08 -1.13 5.10
CA GLU C 61 -38.92 -1.98 5.93
C GLU C 61 -39.31 -1.36 7.27
N LYS C 62 -38.30 -0.99 8.08
CA LYS C 62 -38.59 -0.41 9.39
C LYS C 62 -37.39 0.30 10.02
N THR C 63 -37.68 1.09 11.04
CA THR C 63 -36.65 1.80 11.79
C THR C 63 -36.67 1.25 13.21
N ILE C 64 -35.49 1.04 13.79
CA ILE C 64 -35.39 0.53 15.15
C ILE C 64 -34.60 1.56 15.95
N SER C 65 -35.22 2.13 16.98
CA SER C 65 -34.56 3.14 17.79
C SER C 65 -34.40 2.76 19.25
N GLY C 66 -33.53 3.47 19.95
CA GLY C 66 -33.30 3.20 21.35
C GLY C 66 -31.97 3.75 21.84
N HIS C 67 -30.92 3.58 21.03
CA HIS C 67 -29.60 4.07 21.41
C HIS C 67 -29.62 5.59 21.60
N LYS C 68 -28.77 6.09 22.50
CA LYS C 68 -28.73 7.53 22.77
C LYS C 68 -27.64 8.27 22.01
N LEU C 69 -26.68 7.55 21.44
CA LEU C 69 -25.62 8.17 20.66
C LEU C 69 -25.40 7.37 19.38
N GLY C 70 -24.48 7.83 18.53
CA GLY C 70 -24.21 7.15 17.28
C GLY C 70 -23.92 5.66 17.42
N ILE C 71 -24.25 4.91 16.37
CA ILE C 71 -24.02 3.47 16.33
C ILE C 71 -22.92 3.17 15.31
N SER C 72 -21.93 2.37 15.71
CA SER C 72 -20.81 2.03 14.84
C SER C 72 -20.90 0.68 14.14
N ASP C 73 -21.80 -0.19 14.59
CA ASP C 73 -21.89 -1.52 13.99
C ASP C 73 -23.14 -2.30 14.42
N VAL C 74 -23.53 -3.26 13.59
CA VAL C 74 -24.66 -4.13 13.85
C VAL C 74 -24.33 -5.51 13.29
N ALA C 75 -24.97 -6.53 13.84
CA ALA C 75 -24.74 -7.90 13.36
C ALA C 75 -26.00 -8.73 13.58
N TRP C 76 -26.21 -9.71 12.69
CA TRP C 76 -27.38 -10.58 12.77
C TRP C 76 -27.06 -11.87 13.51
N SER C 77 -28.10 -12.51 14.05
CA SER C 77 -27.93 -13.79 14.72
C SER C 77 -28.07 -14.81 13.60
N SER C 78 -27.56 -16.03 13.81
CA SER C 78 -27.62 -17.05 12.76
C SER C 78 -29.02 -17.34 12.17
N ASP C 79 -30.07 -17.17 12.96
CA ASP C 79 -31.40 -17.43 12.45
C ASP C 79 -32.11 -16.20 11.93
N SER C 80 -31.37 -15.11 11.79
CA SER C 80 -31.93 -13.86 11.27
C SER C 80 -33.03 -13.22 12.12
N ASN C 81 -33.22 -13.70 13.33
CA ASN C 81 -34.27 -13.15 14.18
C ASN C 81 -33.81 -12.02 15.10
N LEU C 82 -32.53 -12.01 15.44
CA LEU C 82 -32.01 -10.98 16.32
C LEU C 82 -30.93 -10.10 15.70
N LEU C 83 -30.73 -8.95 16.33
CA LEU C 83 -29.72 -7.99 15.93
C LEU C 83 -28.99 -7.48 17.18
N VAL C 84 -27.70 -7.19 17.03
CA VAL C 84 -26.93 -6.64 18.13
C VAL C 84 -26.29 -5.40 17.53
N SER C 85 -26.32 -4.30 18.26
CA SER C 85 -25.75 -3.04 17.79
C SER C 85 -24.74 -2.51 18.79
N ALA C 86 -23.68 -1.86 18.30
CA ALA C 86 -22.65 -1.29 19.15
C ALA C 86 -22.73 0.24 19.03
N SER C 87 -22.85 0.91 20.17
CA SER C 87 -22.99 2.37 20.18
C SER C 87 -21.99 3.16 20.98
N ASP C 88 -21.96 4.47 20.74
CA ASP C 88 -21.08 5.39 21.45
C ASP C 88 -21.59 5.56 22.87
N ASP C 89 -22.88 5.24 23.09
CA ASP C 89 -23.45 5.37 24.43
C ASP C 89 -22.84 4.34 25.36
N LYS C 90 -21.79 3.67 24.88
CA LYS C 90 -21.07 2.66 25.64
C LYS C 90 -21.80 1.32 25.87
N THR C 91 -22.95 1.16 25.22
CA THR C 91 -23.70 -0.09 25.37
C THR C 91 -23.92 -0.80 24.04
N LEU C 92 -24.40 -2.03 24.15
CA LEU C 92 -24.74 -2.84 22.99
C LEU C 92 -26.20 -3.19 23.26
N LYS C 93 -27.00 -3.29 22.21
CA LYS C 93 -28.41 -3.63 22.39
C LYS C 93 -28.81 -4.79 21.50
N ILE C 94 -29.52 -5.75 22.07
CA ILE C 94 -30.00 -6.91 21.32
C ILE C 94 -31.44 -6.60 20.95
N TRP C 95 -31.76 -6.70 19.67
CA TRP C 95 -33.12 -6.40 19.22
C TRP C 95 -33.83 -7.55 18.55
N ASP C 96 -35.15 -7.58 18.72
CA ASP C 96 -35.99 -8.59 18.09
C ASP C 96 -36.37 -7.90 16.79
N VAL C 97 -35.77 -8.34 15.69
CA VAL C 97 -36.04 -7.72 14.40
C VAL C 97 -37.52 -7.61 14.08
N SER C 98 -38.26 -8.68 14.37
CA SER C 98 -39.68 -8.74 14.11
C SER C 98 -40.47 -7.61 14.78
N SER C 99 -40.29 -7.44 16.08
CA SER C 99 -41.02 -6.41 16.81
C SER C 99 -40.28 -5.07 16.84
N GLY C 100 -38.97 -5.12 16.64
CA GLY C 100 -38.17 -3.90 16.68
C GLY C 100 -37.97 -3.46 18.12
N LYS C 101 -38.17 -4.39 19.05
CA LYS C 101 -38.02 -4.10 20.47
C LYS C 101 -36.69 -4.53 21.04
N CYS C 102 -36.18 -3.74 21.99
CA CYS C 102 -34.93 -4.03 22.64
C CYS C 102 -35.17 -5.10 23.69
N LEU C 103 -34.47 -6.22 23.60
CA LEU C 103 -34.62 -7.31 24.54
C LEU C 103 -33.63 -7.16 25.68
N LYS C 104 -32.40 -6.76 25.34
CA LYS C 104 -31.35 -6.58 26.32
C LYS C 104 -30.46 -5.38 25.97
N THR C 105 -29.82 -4.83 26.99
CA THR C 105 -28.88 -3.73 26.82
C THR C 105 -27.65 -4.20 27.58
N LEU C 106 -26.61 -4.55 26.83
CA LEU C 106 -25.37 -5.06 27.41
C LEU C 106 -24.49 -3.93 27.91
N LYS C 107 -24.45 -3.76 29.23
CA LYS C 107 -23.64 -2.70 29.85
C LYS C 107 -22.36 -3.28 30.45
N GLY C 108 -21.27 -2.54 30.33
CA GLY C 108 -20.01 -3.01 30.87
C GLY C 108 -18.80 -2.26 30.37
N HIS C 109 -18.83 -1.84 29.10
CA HIS C 109 -17.73 -1.09 28.51
C HIS C 109 -17.68 0.31 29.11
N SER C 110 -16.47 0.83 29.27
CA SER C 110 -16.28 2.15 29.84
C SER C 110 -16.14 3.27 28.80
N ASN C 111 -16.21 2.91 27.53
CA ASN C 111 -16.13 3.89 26.45
C ASN C 111 -16.94 3.38 25.26
N TYR C 112 -16.79 4.01 24.10
CA TYR C 112 -17.54 3.63 22.91
C TYR C 112 -17.44 2.15 22.53
N VAL C 113 -18.57 1.57 22.15
CA VAL C 113 -18.60 0.18 21.70
C VAL C 113 -18.50 0.34 20.19
N PHE C 114 -17.43 -0.21 19.62
CA PHE C 114 -17.16 -0.04 18.19
C PHE C 114 -17.58 -1.15 17.24
N CYS C 115 -17.48 -2.39 17.69
CA CYS C 115 -17.80 -3.53 16.85
C CYS C 115 -18.44 -4.66 17.64
N CYS C 116 -19.19 -5.50 16.95
CA CYS C 116 -19.87 -6.61 17.59
C CYS C 116 -20.14 -7.74 16.61
N ASN C 117 -20.44 -8.92 17.15
CA ASN C 117 -20.72 -10.11 16.34
C ASN C 117 -21.22 -11.29 17.16
N PHE C 118 -22.18 -12.02 16.59
CA PHE C 118 -22.72 -13.22 17.22
C PHE C 118 -21.79 -14.35 16.78
N ASN C 119 -21.79 -15.44 17.52
CA ASN C 119 -20.99 -16.59 17.13
C ASN C 119 -21.98 -17.44 16.32
N PRO C 120 -21.49 -18.41 15.53
CA PRO C 120 -22.42 -19.23 14.74
C PRO C 120 -23.58 -19.78 15.57
N GLN C 121 -23.28 -20.26 16.77
CA GLN C 121 -24.30 -20.81 17.66
C GLN C 121 -25.30 -19.73 17.99
N SER C 122 -24.80 -18.49 18.06
CA SER C 122 -25.58 -17.30 18.40
C SER C 122 -26.01 -17.27 19.86
N ASN C 123 -25.31 -18.01 20.70
CA ASN C 123 -25.60 -18.02 22.13
C ASN C 123 -24.71 -16.96 22.78
N LEU C 124 -23.70 -16.50 22.04
CA LEU C 124 -22.77 -15.51 22.54
C LEU C 124 -22.64 -14.30 21.62
N ILE C 125 -22.15 -13.19 22.17
CA ILE C 125 -21.92 -11.98 21.39
C ILE C 125 -20.55 -11.51 21.80
N VAL C 126 -19.76 -11.07 20.83
CA VAL C 126 -18.42 -10.57 21.12
C VAL C 126 -18.38 -9.09 20.75
N SER C 127 -17.80 -8.27 21.62
CA SER C 127 -17.73 -6.84 21.35
C SER C 127 -16.31 -6.28 21.47
N GLY C 128 -16.06 -5.20 20.74
CA GLY C 128 -14.78 -4.53 20.77
C GLY C 128 -15.07 -3.09 21.13
N SER C 129 -14.27 -2.50 22.00
CA SER C 129 -14.51 -1.14 22.45
C SER C 129 -13.28 -0.24 22.44
N PHE C 130 -13.53 1.06 22.55
CA PHE C 130 -12.45 2.05 22.60
C PHE C 130 -11.71 1.88 23.91
N ASP C 131 -12.36 1.23 24.88
CA ASP C 131 -11.73 1.01 26.18
C ASP C 131 -10.63 -0.04 26.09
N GLU C 132 -10.34 -0.47 24.85
CA GLU C 132 -9.28 -1.44 24.57
C GLU C 132 -9.56 -2.88 25.01
N SER C 133 -10.80 -3.16 25.40
CA SER C 133 -11.15 -4.50 25.83
C SER C 133 -12.04 -5.19 24.81
N VAL C 134 -12.14 -6.51 24.95
CA VAL C 134 -12.99 -7.36 24.12
C VAL C 134 -13.84 -8.13 25.11
N ARG C 135 -15.16 -8.02 24.99
CA ARG C 135 -16.05 -8.72 25.89
C ARG C 135 -16.91 -9.75 25.19
N ILE C 136 -17.13 -10.87 25.88
CA ILE C 136 -17.96 -11.97 25.39
C ILE C 136 -19.21 -11.97 26.25
N TRP C 137 -20.37 -11.81 25.61
CA TRP C 137 -21.63 -11.75 26.33
C TRP C 137 -22.54 -12.95 26.10
N ASP C 138 -23.33 -13.27 27.12
CA ASP C 138 -24.28 -14.37 27.02
C ASP C 138 -25.53 -13.73 26.44
N VAL C 139 -26.00 -14.26 25.31
CA VAL C 139 -27.17 -13.70 24.65
C VAL C 139 -28.47 -13.82 25.43
N LYS C 140 -28.73 -14.99 25.98
CA LYS C 140 -29.96 -15.22 26.74
C LYS C 140 -30.09 -14.34 27.97
N THR C 141 -29.03 -14.22 28.76
CA THR C 141 -29.09 -13.39 29.98
C THR C 141 -28.62 -11.95 29.80
N GLY C 142 -27.79 -11.71 28.79
CA GLY C 142 -27.27 -10.38 28.54
C GLY C 142 -26.12 -10.05 29.49
N MET C 143 -25.63 -11.07 30.18
CA MET C 143 -24.53 -10.91 31.14
C MET C 143 -23.16 -11.03 30.46
N CYS C 144 -22.17 -10.35 31.00
CA CYS C 144 -20.82 -10.41 30.44
C CYS C 144 -20.08 -11.62 31.03
N LEU C 145 -19.79 -12.60 30.19
CA LEU C 145 -19.10 -13.79 30.64
C LEU C 145 -17.60 -13.58 30.84
N LYS C 146 -16.98 -12.82 29.96
CA LYS C 146 -15.56 -12.54 30.08
C LYS C 146 -15.18 -11.18 29.52
N THR C 147 -14.16 -10.58 30.11
CA THR C 147 -13.65 -9.30 29.66
C THR C 147 -12.16 -9.52 29.40
N LEU C 148 -11.79 -9.51 28.13
CA LEU C 148 -10.40 -9.74 27.75
C LEU C 148 -9.57 -8.47 27.66
N PRO C 149 -8.38 -8.48 28.28
CA PRO C 149 -7.49 -7.32 28.26
C PRO C 149 -6.73 -7.47 26.94
N ALA C 150 -7.49 -7.34 25.85
CA ALA C 150 -7.00 -7.53 24.49
C ALA C 150 -5.93 -6.62 23.91
N HIS C 151 -6.10 -5.31 24.05
CA HIS C 151 -5.13 -4.39 23.44
C HIS C 151 -4.84 -3.17 24.31
N SER C 152 -3.95 -2.32 23.79
CA SER C 152 -3.58 -1.10 24.48
C SER C 152 -4.00 0.12 23.68
N ASP C 153 -5.06 -0.07 22.89
CA ASP C 153 -5.65 0.99 22.07
C ASP C 153 -7.02 0.50 21.62
N PRO C 154 -7.87 1.40 21.10
CA PRO C 154 -9.21 1.06 20.64
C PRO C 154 -9.25 -0.22 19.79
N VAL C 155 -10.28 -1.04 20.01
CA VAL C 155 -10.47 -2.27 19.26
C VAL C 155 -11.36 -1.92 18.08
N SER C 156 -10.85 -2.12 16.86
CA SER C 156 -11.59 -1.77 15.65
C SER C 156 -12.51 -2.85 15.12
N ALA C 157 -12.28 -4.09 15.51
CA ALA C 157 -13.12 -5.18 15.03
C ALA C 157 -12.95 -6.46 15.84
N VAL C 158 -13.97 -7.30 15.80
CA VAL C 158 -13.98 -8.59 16.47
C VAL C 158 -14.83 -9.50 15.60
N HIS C 159 -14.46 -10.78 15.52
CA HIS C 159 -15.20 -11.71 14.68
C HIS C 159 -14.95 -13.16 15.09
N PHE C 160 -16.01 -13.96 15.13
CA PHE C 160 -15.92 -15.36 15.49
C PHE C 160 -15.57 -16.16 14.23
N ASN C 161 -14.89 -17.30 14.40
CA ASN C 161 -14.55 -18.15 13.26
C ASN C 161 -15.78 -19.02 13.04
N ARG C 162 -15.74 -19.90 12.05
CA ARG C 162 -16.92 -20.71 11.72
C ARG C 162 -17.51 -21.64 12.78
N ASP C 163 -16.73 -22.10 13.73
CA ASP C 163 -17.30 -22.96 14.77
C ASP C 163 -17.43 -22.22 16.11
N GLY C 164 -17.09 -20.94 16.10
CA GLY C 164 -17.18 -20.13 17.31
C GLY C 164 -16.11 -20.34 18.37
N SER C 165 -15.17 -21.25 18.12
CA SER C 165 -14.11 -21.54 19.10
C SER C 165 -13.02 -20.49 19.12
N LEU C 166 -13.00 -19.65 18.09
CA LEU C 166 -11.97 -18.61 18.02
C LEU C 166 -12.59 -17.23 17.79
N ILE C 167 -11.86 -16.23 18.24
CA ILE C 167 -12.25 -14.84 18.09
C ILE C 167 -11.00 -14.14 17.58
N VAL C 168 -11.19 -13.21 16.65
CA VAL C 168 -10.06 -12.45 16.13
C VAL C 168 -10.37 -10.96 16.34
N SER C 169 -9.41 -10.25 16.92
CA SER C 169 -9.57 -8.84 17.18
C SER C 169 -8.44 -8.03 16.52
N SER C 170 -8.72 -6.76 16.24
CA SER C 170 -7.73 -5.87 15.64
C SER C 170 -7.80 -4.55 16.40
N SER C 171 -6.66 -3.90 16.56
CA SER C 171 -6.61 -2.65 17.30
C SER C 171 -5.68 -1.62 16.70
N TYR C 172 -5.87 -0.37 17.12
CA TYR C 172 -5.02 0.71 16.66
C TYR C 172 -3.62 0.50 17.20
N ASP C 173 -3.45 -0.41 18.14
CA ASP C 173 -2.12 -0.66 18.66
C ASP C 173 -1.28 -1.37 17.60
N GLY C 174 -1.92 -1.70 16.48
CA GLY C 174 -1.22 -2.37 15.39
C GLY C 174 -1.18 -3.87 15.47
N LEU C 175 -1.99 -4.45 16.36
CA LEU C 175 -1.99 -5.90 16.52
C LEU C 175 -3.30 -6.56 16.14
N CYS C 176 -3.19 -7.83 15.71
CA CYS C 176 -4.34 -8.66 15.39
C CYS C 176 -4.12 -9.84 16.33
N ARG C 177 -5.14 -10.21 17.08
CA ARG C 177 -4.99 -11.34 18.00
C ARG C 177 -6.10 -12.36 17.87
N ILE C 178 -5.69 -13.63 17.98
CA ILE C 178 -6.62 -14.73 17.91
C ILE C 178 -6.84 -15.18 19.34
N TRP C 179 -8.11 -15.30 19.74
CA TRP C 179 -8.47 -15.70 21.09
C TRP C 179 -9.26 -16.99 21.15
N ASP C 180 -9.01 -17.79 22.18
CA ASP C 180 -9.73 -19.03 22.37
C ASP C 180 -11.00 -18.62 23.09
N THR C 181 -12.14 -18.74 22.42
CA THR C 181 -13.42 -18.34 23.01
C THR C 181 -13.67 -18.92 24.41
N ALA C 182 -13.47 -20.21 24.58
CA ALA C 182 -13.72 -20.88 25.85
C ALA C 182 -12.85 -20.46 27.04
N SER C 183 -11.55 -20.36 26.81
CA SER C 183 -10.64 -19.99 27.89
C SER C 183 -10.30 -18.49 27.98
N GLY C 184 -10.50 -17.75 26.89
CA GLY C 184 -10.22 -16.32 26.90
C GLY C 184 -8.74 -15.97 26.77
N GLN C 185 -7.90 -16.97 26.53
CA GLN C 185 -6.47 -16.73 26.41
C GLN C 185 -6.07 -16.41 24.97
N CYS C 186 -5.01 -15.63 24.81
CA CYS C 186 -4.52 -15.26 23.49
C CYS C 186 -3.68 -16.37 22.86
N LEU C 187 -4.18 -16.92 21.77
CA LEU C 187 -3.52 -18.01 21.06
C LEU C 187 -2.46 -17.54 20.07
N LYS C 188 -2.64 -16.33 19.52
CA LYS C 188 -1.69 -15.81 18.56
C LYS C 188 -1.74 -14.29 18.43
N THR C 189 -0.56 -13.69 18.29
CA THR C 189 -0.45 -12.25 18.11
C THR C 189 0.26 -11.99 16.79
N LEU C 190 -0.42 -11.28 15.89
CA LEU C 190 0.14 -10.95 14.59
C LEU C 190 0.65 -9.52 14.57
N ILE C 191 1.85 -9.34 14.04
CA ILE C 191 2.44 -8.01 13.92
C ILE C 191 3.13 -8.01 12.57
N ASP C 192 3.29 -6.84 11.97
CA ASP C 192 3.96 -6.78 10.69
C ASP C 192 4.48 -5.38 10.40
N ASP C 193 5.72 -5.33 9.94
CA ASP C 193 6.37 -4.08 9.61
C ASP C 193 6.08 -3.01 10.63
N ASP C 194 5.71 -1.86 10.09
CA ASP C 194 5.32 -0.65 10.79
C ASP C 194 4.57 -0.83 12.10
N ASN C 195 3.72 -1.86 12.14
CA ASN C 195 2.82 -2.09 13.26
C ASN C 195 1.82 -0.92 13.16
N PRO C 196 1.35 -0.63 11.93
CA PRO C 196 0.39 0.46 11.76
C PRO C 196 -0.94 0.05 12.34
N PRO C 197 -1.82 1.03 12.62
CA PRO C 197 -3.12 0.72 13.19
C PRO C 197 -3.89 -0.28 12.32
N VAL C 198 -4.42 -1.31 12.94
CA VAL C 198 -5.20 -2.32 12.23
C VAL C 198 -6.66 -1.87 12.37
N SER C 199 -7.20 -1.32 11.29
CA SER C 199 -8.57 -0.80 11.27
C SER C 199 -9.70 -1.79 11.00
N PHE C 200 -9.39 -3.06 10.81
CA PHE C 200 -10.41 -4.08 10.54
C PHE C 200 -9.77 -5.47 10.38
N VAL C 201 -10.55 -6.51 10.69
CA VAL C 201 -10.09 -7.88 10.55
C VAL C 201 -11.27 -8.83 10.57
N LYS C 202 -11.10 -10.01 9.98
CA LYS C 202 -12.16 -11.03 9.95
C LYS C 202 -11.62 -12.34 9.41
N PHE C 203 -12.24 -13.44 9.82
CA PHE C 203 -11.86 -14.75 9.35
C PHE C 203 -12.42 -14.99 7.96
N SER C 204 -11.73 -15.85 7.21
CA SER C 204 -12.18 -16.25 5.88
C SER C 204 -13.32 -17.24 6.14
N PRO C 205 -14.14 -17.54 5.11
CA PRO C 205 -15.24 -18.47 5.32
C PRO C 205 -14.80 -19.82 5.92
N ASN C 206 -13.68 -20.36 5.46
CA ASN C 206 -13.22 -21.64 6.00
C ASN C 206 -12.56 -21.48 7.38
N GLY C 207 -12.26 -20.24 7.77
CA GLY C 207 -11.65 -20.00 9.05
C GLY C 207 -10.16 -20.27 9.11
N LYS C 208 -9.58 -20.57 7.96
CA LYS C 208 -8.16 -20.86 7.87
C LYS C 208 -7.34 -19.58 7.79
N TYR C 209 -7.96 -18.52 7.28
CA TYR C 209 -7.26 -17.25 7.12
C TYR C 209 -7.92 -16.08 7.82
N ILE C 210 -7.20 -14.97 7.84
CA ILE C 210 -7.66 -13.75 8.43
C ILE C 210 -7.35 -12.61 7.47
N LEU C 211 -8.36 -11.78 7.19
CA LEU C 211 -8.18 -10.64 6.30
C LEU C 211 -8.09 -9.42 7.23
N ALA C 212 -7.00 -8.68 7.14
CA ALA C 212 -6.80 -7.53 7.99
C ALA C 212 -6.48 -6.25 7.23
N ALA C 213 -7.16 -5.17 7.59
CA ALA C 213 -6.94 -3.88 6.96
C ALA C 213 -6.09 -3.04 7.90
N THR C 214 -5.11 -2.35 7.32
CA THR C 214 -4.24 -1.47 8.08
C THR C 214 -4.32 -0.08 7.46
N LEU C 215 -4.20 0.94 8.31
CA LEU C 215 -4.29 2.32 7.86
C LEU C 215 -3.09 2.83 7.05
N ASP C 216 -2.51 1.93 6.26
CA ASP C 216 -1.41 2.29 5.39
C ASP C 216 -1.85 1.83 4.01
N ASN C 217 -3.13 2.07 3.73
CA ASN C 217 -3.78 1.73 2.46
C ASN C 217 -3.50 0.30 2.02
N THR C 218 -3.62 -0.64 2.95
CA THR C 218 -3.33 -2.02 2.60
C THR C 218 -4.22 -3.03 3.30
N LEU C 219 -4.57 -4.07 2.55
CA LEU C 219 -5.35 -5.17 3.06
C LEU C 219 -4.43 -6.39 2.93
N LYS C 220 -4.51 -7.32 3.86
CA LYS C 220 -3.65 -8.50 3.80
C LYS C 220 -4.33 -9.78 4.22
N LEU C 221 -4.05 -10.85 3.49
CA LEU C 221 -4.60 -12.16 3.80
C LEU C 221 -3.50 -12.91 4.55
N TRP C 222 -3.77 -13.30 5.79
CA TRP C 222 -2.79 -13.99 6.62
C TRP C 222 -3.15 -15.41 7.02
N ASP C 223 -2.16 -16.29 7.00
CA ASP C 223 -2.36 -17.64 7.49
C ASP C 223 -1.92 -17.38 8.92
N TYR C 224 -2.88 -17.14 9.81
CA TYR C 224 -2.55 -16.82 11.19
C TYR C 224 -1.84 -17.87 12.01
N SER C 225 -2.12 -19.15 11.76
CA SER C 225 -1.45 -20.19 12.54
C SER C 225 0.05 -20.20 12.22
N LYS C 226 0.38 -20.11 10.93
CA LYS C 226 1.78 -20.10 10.49
C LYS C 226 2.36 -18.71 10.55
N GLY C 227 1.50 -17.71 10.66
CA GLY C 227 1.95 -16.34 10.73
C GLY C 227 2.58 -15.78 9.47
N LYS C 228 2.05 -16.17 8.31
CA LYS C 228 2.58 -15.67 7.05
C LYS C 228 1.54 -14.93 6.23
N CYS C 229 1.98 -13.88 5.54
CA CYS C 229 1.10 -13.08 4.70
C CYS C 229 1.05 -13.72 3.32
N LEU C 230 -0.12 -14.21 2.94
CA LEU C 230 -0.31 -14.88 1.66
C LEU C 230 -0.60 -13.95 0.50
N LYS C 231 -1.42 -12.93 0.74
CA LYS C 231 -1.81 -11.98 -0.29
C LYS C 231 -1.81 -10.55 0.22
N THR C 232 -1.74 -9.61 -0.72
CA THR C 232 -1.74 -8.19 -0.43
C THR C 232 -2.66 -7.52 -1.44
N TYR C 233 -3.57 -6.67 -0.95
CA TYR C 233 -4.48 -5.97 -1.84
C TYR C 233 -4.32 -4.47 -1.62
N THR C 234 -3.93 -3.77 -2.68
CA THR C 234 -3.69 -2.33 -2.60
C THR C 234 -4.29 -1.56 -3.79
N GLY C 235 -4.11 -0.25 -3.78
CA GLY C 235 -4.62 0.58 -4.86
C GLY C 235 -5.77 1.47 -4.45
N HIS C 236 -6.39 1.14 -3.33
CA HIS C 236 -7.50 1.92 -2.81
C HIS C 236 -6.92 2.89 -1.80
N LYS C 237 -7.78 3.66 -1.14
CA LYS C 237 -7.31 4.62 -0.15
C LYS C 237 -7.94 4.32 1.23
N ASN C 238 -7.09 4.07 2.20
CA ASN C 238 -7.55 3.77 3.55
C ASN C 238 -6.47 4.13 4.57
N GLU C 239 -6.53 5.37 5.06
CA GLU C 239 -5.58 5.85 6.04
C GLU C 239 -6.28 6.45 7.25
N LYS C 240 -7.59 6.66 7.15
CA LYS C 240 -8.34 7.30 8.24
C LYS C 240 -9.48 6.54 8.92
N TYR C 241 -10.34 5.88 8.16
CA TYR C 241 -11.47 5.18 8.75
C TYR C 241 -11.34 3.67 8.86
N CYS C 242 -12.20 3.08 9.71
CA CYS C 242 -12.23 1.65 9.90
C CYS C 242 -13.25 1.11 8.91
N ILE C 243 -12.76 0.80 7.72
CA ILE C 243 -13.60 0.31 6.62
C ILE C 243 -13.72 -1.21 6.60
N PHE C 244 -14.95 -1.71 6.43
CA PHE C 244 -15.18 -3.14 6.37
C PHE C 244 -14.66 -3.71 5.06
N ALA C 245 -14.30 -4.99 5.07
CA ALA C 245 -13.82 -5.68 3.87
C ALA C 245 -14.51 -7.03 3.92
N ASN C 246 -14.67 -7.68 2.78
CA ASN C 246 -15.35 -8.97 2.74
C ASN C 246 -14.73 -9.94 1.76
N PHE C 247 -15.18 -11.19 1.86
CA PHE C 247 -14.78 -12.28 0.99
C PHE C 247 -16.03 -12.50 0.14
N SER C 248 -15.96 -12.25 -1.16
CA SER C 248 -17.12 -12.49 -2.02
C SER C 248 -16.93 -13.88 -2.60
N VAL C 249 -17.85 -14.79 -2.30
CA VAL C 249 -17.72 -16.17 -2.76
C VAL C 249 -18.91 -16.78 -3.50
N THR C 250 -19.98 -16.01 -3.71
CA THR C 250 -21.15 -16.54 -4.40
C THR C 250 -20.83 -16.91 -5.86
N GLY C 251 -19.99 -16.10 -6.50
CA GLY C 251 -19.58 -16.36 -7.86
C GLY C 251 -18.07 -16.52 -7.86
N GLY C 252 -17.35 -15.61 -8.51
CA GLY C 252 -15.91 -15.68 -8.51
C GLY C 252 -15.43 -15.33 -7.12
N LYS C 253 -14.18 -15.67 -6.79
CA LYS C 253 -13.66 -15.38 -5.47
C LYS C 253 -12.98 -14.01 -5.42
N TRP C 254 -13.67 -13.05 -4.80
CA TRP C 254 -13.17 -11.70 -4.71
C TRP C 254 -12.93 -11.20 -3.30
N ILE C 255 -12.19 -10.10 -3.23
CA ILE C 255 -11.92 -9.41 -1.98
C ILE C 255 -12.64 -8.09 -2.23
N VAL C 256 -13.57 -7.73 -1.36
CA VAL C 256 -14.33 -6.50 -1.51
C VAL C 256 -14.08 -5.55 -0.35
N SER C 257 -13.97 -4.26 -0.65
CA SER C 257 -13.72 -3.26 0.38
C SER C 257 -14.10 -1.85 -0.02
N GLY C 258 -14.48 -1.05 0.98
CA GLY C 258 -14.82 0.33 0.71
C GLY C 258 -13.50 1.06 0.53
N SER C 259 -13.56 2.37 0.34
CA SER C 259 -12.34 3.15 0.12
C SER C 259 -12.63 4.63 0.38
N GLU C 260 -11.59 5.37 0.77
CA GLU C 260 -11.73 6.79 1.06
C GLU C 260 -11.77 7.68 -0.17
N ASP C 261 -11.79 7.08 -1.35
CA ASP C 261 -11.89 7.84 -2.59
C ASP C 261 -13.31 7.67 -3.17
N ASN C 262 -14.25 7.32 -2.28
CA ASN C 262 -15.66 7.15 -2.61
C ASN C 262 -16.06 5.96 -3.49
N MET C 263 -15.13 5.04 -3.74
CA MET C 263 -15.44 3.89 -4.58
C MET C 263 -15.31 2.57 -3.85
N VAL C 264 -16.01 1.56 -4.36
CA VAL C 264 -15.94 0.23 -3.79
C VAL C 264 -14.93 -0.53 -4.67
N TYR C 265 -13.89 -1.09 -4.06
CA TYR C 265 -12.89 -1.82 -4.81
C TYR C 265 -13.15 -3.32 -4.73
N ILE C 266 -12.85 -4.03 -5.80
CA ILE C 266 -13.03 -5.49 -5.85
C ILE C 266 -11.73 -6.06 -6.41
N TRP C 267 -11.19 -7.06 -5.73
CA TRP C 267 -9.93 -7.70 -6.14
C TRP C 267 -10.11 -9.17 -6.40
N ASN C 268 -9.21 -9.73 -7.21
CA ASN C 268 -9.21 -11.15 -7.50
C ASN C 268 -8.42 -11.68 -6.30
N LEU C 269 -9.03 -12.53 -5.48
CA LEU C 269 -8.38 -13.04 -4.29
C LEU C 269 -7.04 -13.70 -4.55
N GLN C 270 -6.93 -14.42 -5.66
CA GLN C 270 -5.70 -15.13 -5.98
C GLN C 270 -4.61 -14.29 -6.63
N THR C 271 -4.98 -13.47 -7.60
CA THR C 271 -4.00 -12.67 -8.32
C THR C 271 -3.69 -11.31 -7.70
N LYS C 272 -4.56 -10.83 -6.82
CA LYS C 272 -4.36 -9.52 -6.17
C LYS C 272 -4.70 -8.35 -7.09
N GLU C 273 -4.97 -8.64 -8.35
CA GLU C 273 -5.28 -7.60 -9.31
C GLU C 273 -6.67 -7.04 -9.10
N ILE C 274 -6.84 -5.74 -9.28
CA ILE C 274 -8.16 -5.13 -9.13
C ILE C 274 -9.02 -5.47 -10.36
N VAL C 275 -10.20 -6.03 -10.13
CA VAL C 275 -11.07 -6.40 -11.24
C VAL C 275 -12.26 -5.47 -11.45
N GLN C 276 -12.42 -4.49 -10.57
CA GLN C 276 -13.53 -3.54 -10.71
C GLN C 276 -13.59 -2.51 -9.59
N LYS C 277 -14.02 -1.31 -9.95
CA LYS C 277 -14.16 -0.20 -9.02
C LYS C 277 -15.57 0.36 -9.24
N LEU C 278 -16.42 0.28 -8.21
CA LEU C 278 -17.77 0.76 -8.33
C LEU C 278 -17.88 2.24 -7.96
N GLN C 279 -18.31 3.04 -8.93
CA GLN C 279 -18.47 4.48 -8.72
C GLN C 279 -19.93 4.81 -8.48
N GLY C 280 -20.19 5.86 -7.69
CA GLY C 280 -21.54 6.24 -7.38
C GLY C 280 -21.64 7.00 -6.06
N HIS C 281 -20.93 6.53 -5.05
CA HIS C 281 -20.95 7.19 -3.75
C HIS C 281 -20.20 8.51 -3.80
N THR C 282 -20.63 9.45 -2.97
CA THR C 282 -20.04 10.78 -2.94
C THR C 282 -19.32 11.13 -1.65
N ASP C 283 -18.85 10.09 -0.96
CA ASP C 283 -18.10 10.25 0.28
C ASP C 283 -17.49 8.88 0.61
N VAL C 284 -16.66 8.83 1.63
CA VAL C 284 -16.01 7.58 2.04
C VAL C 284 -16.99 6.40 2.11
N VAL C 285 -16.61 5.28 1.50
CA VAL C 285 -17.43 4.08 1.55
C VAL C 285 -16.88 3.32 2.75
N ILE C 286 -17.49 3.57 3.90
CA ILE C 286 -17.09 3.00 5.17
C ILE C 286 -17.43 1.53 5.32
N SER C 287 -18.47 1.08 4.62
CA SER C 287 -18.90 -0.30 4.77
C SER C 287 -19.44 -0.96 3.52
N THR C 288 -19.14 -2.25 3.40
CA THR C 288 -19.59 -3.09 2.29
C THR C 288 -19.89 -4.45 2.89
N ALA C 289 -20.72 -5.22 2.19
CA ALA C 289 -21.08 -6.55 2.62
C ALA C 289 -21.48 -7.34 1.39
N CYS C 290 -21.32 -8.66 1.44
CA CYS C 290 -21.67 -9.52 0.31
C CYS C 290 -22.84 -10.43 0.66
N HIS C 291 -23.78 -10.51 -0.26
CA HIS C 291 -24.97 -11.34 -0.06
C HIS C 291 -24.54 -12.79 0.13
N PRO C 292 -25.23 -13.54 1.02
CA PRO C 292 -24.91 -14.94 1.30
C PRO C 292 -25.11 -15.95 0.17
N THR C 293 -26.08 -15.73 -0.71
CA THR C 293 -26.30 -16.67 -1.80
C THR C 293 -26.27 -16.04 -3.19
N GLU C 294 -26.48 -14.73 -3.29
CA GLU C 294 -26.46 -14.08 -4.61
C GLU C 294 -25.25 -13.15 -4.78
N ASN C 295 -24.97 -12.79 -6.02
CA ASN C 295 -23.87 -11.88 -6.33
C ASN C 295 -24.39 -10.45 -6.18
N ILE C 296 -24.69 -10.07 -4.94
CA ILE C 296 -25.20 -8.73 -4.64
C ILE C 296 -24.30 -8.14 -3.57
N ILE C 297 -23.94 -6.88 -3.75
CA ILE C 297 -23.08 -6.21 -2.79
C ILE C 297 -23.79 -4.99 -2.19
N ALA C 298 -23.60 -4.78 -0.90
CA ALA C 298 -24.17 -3.63 -0.22
C ALA C 298 -23.03 -2.72 0.17
N SER C 299 -23.24 -1.42 -0.03
CA SER C 299 -22.25 -0.42 0.31
C SER C 299 -22.96 0.76 0.95
N ALA C 300 -22.31 1.41 1.90
CA ALA C 300 -22.88 2.57 2.58
C ALA C 300 -21.78 3.61 2.69
N ALA C 301 -22.15 4.88 2.57
CA ALA C 301 -21.18 5.97 2.62
C ALA C 301 -21.39 6.95 3.79
N LEU C 302 -20.41 7.81 3.99
CA LEU C 302 -20.44 8.79 5.09
C LEU C 302 -21.33 10.02 4.90
N GLU C 303 -21.13 11.01 5.77
CA GLU C 303 -21.89 12.26 5.82
C GLU C 303 -22.35 12.94 4.53
N ASN C 304 -21.43 13.13 3.59
CA ASN C 304 -21.79 13.81 2.34
C ASN C 304 -22.54 12.92 1.35
N ASP C 305 -22.90 11.72 1.79
CA ASP C 305 -23.63 10.76 0.97
C ASP C 305 -24.89 10.34 1.70
N LYS C 306 -24.73 9.62 2.81
CA LYS C 306 -25.83 9.17 3.64
C LYS C 306 -26.67 8.03 3.07
N THR C 307 -26.21 7.42 1.99
CA THR C 307 -26.97 6.33 1.39
C THR C 307 -26.27 4.98 1.40
N ILE C 308 -27.05 3.97 1.07
CA ILE C 308 -26.61 2.58 0.97
C ILE C 308 -26.94 2.22 -0.46
N LYS C 309 -26.08 1.47 -1.12
CA LYS C 309 -26.37 1.04 -2.48
C LYS C 309 -26.23 -0.47 -2.61
N LEU C 310 -27.09 -1.03 -3.45
CA LEU C 310 -27.08 -2.47 -3.70
C LEU C 310 -26.64 -2.65 -5.14
N TRP C 311 -25.63 -3.48 -5.34
CA TRP C 311 -25.10 -3.76 -6.66
C TRP C 311 -25.25 -5.25 -6.96
N LYS C 312 -25.52 -5.56 -8.23
CA LYS C 312 -25.65 -6.95 -8.65
C LYS C 312 -24.72 -7.21 -9.83
N SER C 313 -24.25 -8.45 -9.93
CA SER C 313 -23.34 -8.86 -10.99
C SER C 313 -23.70 -10.26 -11.47
N ASP C 314 -23.40 -10.56 -12.74
CA ASP C 314 -23.67 -11.90 -13.25
C ASP C 314 -22.45 -12.67 -12.79
N CYS C 315 -21.46 -11.91 -12.35
CA CYS C 315 -20.18 -12.36 -11.81
C CYS C 315 -19.32 -13.17 -12.76
N ALA D 1 -19.81 6.29 15.89
CA ALA D 1 -18.60 7.16 15.75
C ALA D 1 -17.58 6.60 14.77
N ARG D 2 -17.93 5.51 14.09
CA ARG D 2 -17.03 4.92 13.10
C ARG D 2 -16.99 5.95 11.96
N THR D 3 -18.04 6.74 11.87
CA THR D 3 -18.17 7.76 10.83
C THR D 3 -17.28 8.97 11.06
N LYS D 4 -16.54 8.98 12.17
CA LYS D 4 -15.63 10.09 12.45
C LYS D 4 -14.26 9.49 12.75
N GLN D 5 -13.21 10.12 12.24
CA GLN D 5 -11.86 9.61 12.45
C GLN D 5 -11.50 9.49 13.93
N THR D 6 -11.22 8.35 14.37
#